data_5MWH
#
_entry.id   5MWH
#
_cell.length_a   48.689
_cell.length_b   63.279
_cell.length_c   49.000
_cell.angle_alpha   90.00
_cell.angle_beta   102.15
_cell.angle_gamma   90.00
#
_symmetry.space_group_name_H-M   'P 1 21 1'
#
loop_
_entity.id
_entity.type
_entity.pdbx_description
1 polymer Peregrin
2 non-polymer ~{N}-[1,4-dimethyl-7-morpholin-4-yl-2,3-bis(oxidanylidene)quinoxalin-6-yl]-4-(2-methylpropyl)benzenesulfonamide
3 non-polymer 'NITRATE ION'
4 water water
#
_entity_poly.entity_id   1
_entity_poly.type   'polypeptide(L)'
_entity_poly.pdbx_seq_one_letter_code
;SMEMQLTPFLILLRKTLEQLQEKDTGNIFSEPVPLSEVPDYLDHIKKPMDFFTMKQNLEAYRYLNFDDFEEDFNLIVSNC
LKYNAKDTIFYRAAVRLREQGGAVLRQARRQAEKMG
;
_entity_poly.pdbx_strand_id   A,B
#
# COMPACT_ATOMS: atom_id res chain seq x y z
N MET A 4 -22.98 -16.78 15.39
CA MET A 4 -23.09 -15.56 14.61
C MET A 4 -23.51 -14.38 15.48
N GLN A 5 -22.75 -14.14 16.56
CA GLN A 5 -22.87 -12.92 17.33
C GLN A 5 -22.05 -11.86 16.63
N LEU A 6 -22.72 -11.08 15.79
CA LEU A 6 -22.05 -10.10 14.94
C LEU A 6 -21.50 -8.95 15.77
N THR A 7 -20.48 -8.29 15.25
CA THR A 7 -20.02 -7.01 15.78
C THR A 7 -20.00 -5.99 14.67
N PRO A 8 -20.10 -4.71 15.00
CA PRO A 8 -20.00 -3.68 13.95
C PRO A 8 -18.69 -3.75 13.19
N PHE A 9 -17.59 -4.10 13.87
CA PHE A 9 -16.30 -4.21 13.20
C PHE A 9 -16.30 -5.33 12.17
N LEU A 10 -16.82 -6.51 12.54
CA LEU A 10 -16.80 -7.64 11.62
C LEU A 10 -17.74 -7.41 10.44
N ILE A 11 -18.89 -6.78 10.69
CA ILE A 11 -19.78 -6.40 9.60
C ILE A 11 -19.06 -5.46 8.64
N LEU A 12 -18.31 -4.49 9.19
CA LEU A 12 -17.56 -3.56 8.35
C LEU A 12 -16.52 -4.30 7.51
N LEU A 13 -15.82 -5.27 8.10
CA LEU A 13 -14.83 -6.02 7.32
C LEU A 13 -15.51 -6.85 6.23
N ARG A 14 -16.68 -7.41 6.52
N ARG A 14 -16.67 -7.42 6.52
CA ARG A 14 -17.39 -8.15 5.48
CA ARG A 14 -17.40 -8.16 5.49
C ARG A 14 -17.78 -7.24 4.34
C ARG A 14 -17.79 -7.24 4.34
N LYS A 15 -18.31 -6.05 4.65
CA LYS A 15 -18.68 -5.10 3.62
C LYS A 15 -17.45 -4.68 2.82
N THR A 16 -16.35 -4.42 3.51
CA THR A 16 -15.13 -3.99 2.83
C THR A 16 -14.59 -5.07 1.91
N LEU A 17 -14.59 -6.31 2.38
CA LEU A 17 -14.14 -7.42 1.52
C LEU A 17 -15.00 -7.52 0.27
N GLU A 18 -16.33 -7.39 0.40
CA GLU A 18 -17.18 -7.39 -0.79
C GLU A 18 -16.82 -6.23 -1.71
N GLN A 19 -16.54 -5.05 -1.15
CA GLN A 19 -16.19 -3.91 -2.00
C GLN A 19 -14.88 -4.11 -2.72
N LEU A 20 -13.93 -4.79 -2.08
CA LEU A 20 -12.66 -5.08 -2.75
C LEU A 20 -12.84 -6.13 -3.85
N GLN A 21 -13.66 -7.15 -3.60
CA GLN A 21 -13.85 -8.17 -4.62
C GLN A 21 -14.59 -7.63 -5.85
N GLU A 22 -15.48 -6.65 -5.65
CA GLU A 22 -16.15 -6.00 -6.77
C GLU A 22 -15.16 -5.32 -7.70
N LYS A 23 -14.03 -4.85 -7.16
CA LYS A 23 -13.02 -4.24 -8.01
C LYS A 23 -12.28 -5.26 -8.87
N ASP A 24 -12.31 -6.53 -8.46
CA ASP A 24 -11.64 -7.62 -9.19
C ASP A 24 -12.66 -8.22 -10.14
N THR A 25 -12.94 -7.49 -11.23
CA THR A 25 -14.04 -7.87 -12.10
C THR A 25 -13.76 -9.16 -12.86
N GLY A 26 -12.48 -9.52 -13.05
CA GLY A 26 -12.21 -10.79 -13.69
C GLY A 26 -12.14 -11.96 -12.74
N ASN A 27 -12.35 -11.70 -11.43
CA ASN A 27 -12.28 -12.72 -10.38
C ASN A 27 -10.94 -13.44 -10.37
N ILE A 28 -9.87 -12.79 -10.81
CA ILE A 28 -8.57 -13.47 -10.86
C ILE A 28 -7.91 -13.55 -9.49
N PHE A 29 -8.41 -12.82 -8.49
CA PHE A 29 -7.88 -12.92 -7.13
C PHE A 29 -8.87 -13.60 -6.19
N SER A 30 -9.89 -14.25 -6.74
N SER A 30 -9.89 -14.26 -6.73
CA SER A 30 -10.96 -14.80 -5.91
CA SER A 30 -10.98 -14.80 -5.92
C SER A 30 -10.52 -16.04 -5.15
C SER A 30 -10.62 -16.10 -5.23
N GLU A 31 -9.62 -16.82 -5.72
CA GLU A 31 -9.23 -18.12 -5.20
C GLU A 31 -7.71 -18.22 -5.20
N PRO A 32 -7.14 -19.15 -4.43
CA PRO A 32 -5.68 -19.29 -4.43
C PRO A 32 -5.14 -19.53 -5.83
N VAL A 33 -4.00 -18.91 -6.12
CA VAL A 33 -3.25 -19.22 -7.33
C VAL A 33 -3.09 -20.74 -7.38
N PRO A 34 -3.53 -21.39 -8.45
CA PRO A 34 -3.54 -22.86 -8.46
C PRO A 34 -2.14 -23.44 -8.59
N LEU A 35 -1.60 -23.94 -7.49
CA LEU A 35 -0.21 -24.40 -7.46
C LEU A 35 0.03 -25.52 -8.46
N SER A 36 -1.01 -26.29 -8.80
CA SER A 36 -0.87 -27.32 -9.82
C SER A 36 -0.54 -26.71 -11.17
N GLU A 37 -1.18 -25.61 -11.53
CA GLU A 37 -0.91 -24.94 -12.79
C GLU A 37 0.42 -24.17 -12.78
N VAL A 38 0.91 -23.81 -11.60
CA VAL A 38 2.15 -23.04 -11.49
C VAL A 38 3.01 -23.71 -10.42
N PRO A 39 3.90 -24.64 -10.81
CA PRO A 39 4.62 -25.44 -9.81
C PRO A 39 5.75 -24.72 -9.10
N ASP A 40 6.17 -23.55 -9.58
CA ASP A 40 7.25 -22.80 -8.95
C ASP A 40 6.75 -21.63 -8.12
N TYR A 41 5.43 -21.48 -7.98
CA TYR A 41 4.89 -20.29 -7.31
C TYR A 41 5.43 -20.17 -5.89
N LEU A 42 5.42 -21.25 -5.13
CA LEU A 42 5.88 -21.19 -3.74
C LEU A 42 7.40 -21.03 -3.62
N ASP A 43 8.15 -21.21 -4.71
CA ASP A 43 9.58 -20.92 -4.65
C ASP A 43 9.84 -19.44 -4.44
N HIS A 44 8.92 -18.59 -4.90
CA HIS A 44 9.10 -17.14 -4.80
C HIS A 44 8.14 -16.47 -3.83
N ILE A 45 6.94 -17.01 -3.63
CA ILE A 45 5.91 -16.36 -2.84
C ILE A 45 5.83 -17.07 -1.48
N LYS A 46 6.18 -16.33 -0.42
CA LYS A 46 6.26 -16.93 0.91
C LYS A 46 4.87 -17.20 1.49
N LYS A 47 3.95 -16.26 1.32
CA LYS A 47 2.60 -16.38 1.88
C LYS A 47 1.58 -16.01 0.81
N PRO A 48 1.07 -16.99 0.06
CA PRO A 48 0.02 -16.71 -0.92
C PRO A 48 -1.23 -16.14 -0.25
N MET A 49 -1.98 -15.36 -1.01
CA MET A 49 -3.21 -14.80 -0.47
C MET A 49 -4.20 -14.58 -1.60
N ASP A 50 -5.48 -14.60 -1.25
CA ASP A 50 -6.58 -14.43 -2.18
C ASP A 50 -7.80 -14.06 -1.37
N PHE A 51 -8.86 -13.64 -2.07
CA PHE A 51 -10.06 -13.19 -1.38
C PHE A 51 -10.82 -14.32 -0.70
N PHE A 52 -10.80 -15.53 -1.25
CA PHE A 52 -11.45 -16.65 -0.58
C PHE A 52 -10.78 -16.94 0.75
N THR A 53 -9.45 -17.03 0.74
CA THR A 53 -8.69 -17.21 1.98
C THR A 53 -8.99 -16.11 2.98
N MET A 54 -9.10 -14.87 2.51
CA MET A 54 -9.46 -13.78 3.40
C MET A 54 -10.86 -13.96 3.96
N LYS A 55 -11.80 -14.43 3.12
CA LYS A 55 -13.16 -14.66 3.62
C LYS A 55 -13.20 -15.77 4.65
N GLN A 56 -12.43 -16.83 4.41
CA GLN A 56 -12.33 -17.93 5.37
C GLN A 56 -11.74 -17.47 6.69
N ASN A 57 -10.67 -16.66 6.63
CA ASN A 57 -10.13 -16.09 7.84
C ASN A 57 -11.18 -15.25 8.57
N LEU A 58 -11.89 -14.41 7.83
CA LEU A 58 -12.94 -13.58 8.42
C LEU A 58 -14.04 -14.42 9.07
N GLU A 59 -14.54 -15.44 8.37
CA GLU A 59 -15.62 -16.24 8.94
C GLU A 59 -15.14 -17.08 10.12
N ALA A 60 -13.85 -17.38 10.21
CA ALA A 60 -13.30 -18.04 11.38
C ALA A 60 -12.94 -17.06 12.50
N TYR A 61 -13.22 -15.77 12.29
CA TYR A 61 -12.95 -14.72 13.27
C TYR A 61 -11.46 -14.67 13.61
N ARG A 62 -10.63 -14.59 12.57
CA ARG A 62 -9.20 -14.50 12.74
C ARG A 62 -8.64 -13.12 12.44
N TYR A 63 -9.44 -12.16 11.97
CA TYR A 63 -9.02 -10.77 11.85
C TYR A 63 -9.50 -10.02 13.09
N LEU A 64 -8.54 -9.59 13.91
CA LEU A 64 -8.82 -8.91 15.16
C LEU A 64 -8.80 -7.39 15.02
N ASN A 65 -8.18 -6.85 13.98
CA ASN A 65 -8.08 -5.42 13.78
C ASN A 65 -7.98 -5.13 12.29
N PHE A 66 -8.16 -3.87 11.94
CA PHE A 66 -8.20 -3.49 10.52
C PHE A 66 -6.85 -3.69 9.85
N ASP A 67 -5.77 -3.44 10.60
CA ASP A 67 -4.42 -3.55 10.04
C ASP A 67 -4.12 -4.94 9.52
N ASP A 68 -4.55 -5.99 10.25
CA ASP A 68 -4.26 -7.36 9.82
C ASP A 68 -5.04 -7.69 8.56
N PHE A 69 -6.28 -7.21 8.48
CA PHE A 69 -7.09 -7.35 7.27
C PHE A 69 -6.44 -6.65 6.08
N GLU A 70 -6.06 -5.38 6.26
CA GLU A 70 -5.43 -4.65 5.17
C GLU A 70 -4.10 -5.29 4.76
N GLU A 71 -3.36 -5.83 5.73
CA GLU A 71 -2.09 -6.49 5.41
C GLU A 71 -2.30 -7.65 4.45
N ASP A 72 -3.36 -8.44 4.67
CA ASP A 72 -3.61 -9.57 3.77
C ASP A 72 -4.05 -9.10 2.40
N PHE A 73 -4.88 -8.05 2.31
CA PHE A 73 -5.18 -7.49 1.00
C PHE A 73 -3.90 -7.08 0.27
N ASN A 74 -3.01 -6.39 0.98
CA ASN A 74 -1.79 -5.93 0.36
C ASN A 74 -0.94 -7.09 -0.15
N LEU A 75 -1.03 -8.27 0.48
CA LEU A 75 -0.32 -9.44 -0.02
C LEU A 75 -0.86 -9.90 -1.37
N ILE A 76 -2.17 -9.88 -1.55
CA ILE A 76 -2.75 -10.24 -2.85
C ILE A 76 -2.08 -9.43 -3.95
N VAL A 77 -1.97 -8.12 -3.73
CA VAL A 77 -1.38 -7.23 -4.73
C VAL A 77 0.12 -7.47 -4.85
N SER A 78 0.84 -7.45 -3.72
CA SER A 78 2.31 -7.48 -3.81
C SER A 78 2.82 -8.85 -4.26
N ASN A 79 2.14 -9.94 -3.90
CA ASN A 79 2.48 -11.25 -4.45
C ASN A 79 2.37 -11.24 -5.97
N CYS A 80 1.31 -10.62 -6.48
CA CYS A 80 1.07 -10.64 -7.93
C CYS A 80 2.11 -9.81 -8.67
N LEU A 81 2.45 -8.64 -8.13
CA LEU A 81 3.50 -7.82 -8.73
C LEU A 81 4.84 -8.53 -8.68
N LYS A 82 5.09 -9.28 -7.61
CA LYS A 82 6.37 -9.97 -7.47
C LYS A 82 6.50 -11.12 -8.46
N TYR A 83 5.47 -11.96 -8.55
CA TYR A 83 5.58 -13.17 -9.36
C TYR A 83 5.55 -12.87 -10.86
N ASN A 84 4.75 -11.88 -11.28
CA ASN A 84 4.46 -11.72 -12.70
C ASN A 84 5.29 -10.63 -13.35
N ALA A 85 5.62 -10.83 -14.63
CA ALA A 85 6.29 -9.80 -15.39
C ALA A 85 5.39 -8.58 -15.56
N LYS A 86 6.02 -7.41 -15.71
CA LYS A 86 5.25 -6.16 -15.79
C LYS A 86 4.28 -6.17 -16.96
N ASP A 87 4.70 -6.71 -18.10
CA ASP A 87 3.85 -6.73 -19.28
C ASP A 87 2.96 -7.98 -19.28
N THR A 88 2.11 -8.08 -18.26
CA THR A 88 1.16 -9.17 -18.19
C THR A 88 -0.20 -8.64 -17.74
N ILE A 89 -1.24 -9.38 -18.09
CA ILE A 89 -2.58 -9.07 -17.58
C ILE A 89 -2.60 -9.11 -16.06
N PHE A 90 -1.97 -10.12 -15.46
CA PHE A 90 -1.98 -10.22 -14.00
C PHE A 90 -1.33 -9.00 -13.35
N TYR A 91 -0.13 -8.61 -13.82
CA TYR A 91 0.57 -7.48 -13.21
C TYR A 91 -0.26 -6.20 -13.33
N ARG A 92 -0.79 -5.93 -14.52
CA ARG A 92 -1.59 -4.73 -14.73
C ARG A 92 -2.85 -4.75 -13.88
N ALA A 93 -3.45 -5.93 -13.71
CA ALA A 93 -4.63 -6.03 -12.86
C ALA A 93 -4.29 -5.75 -11.40
N ALA A 94 -3.12 -6.21 -10.95
CA ALA A 94 -2.71 -5.93 -9.57
C ALA A 94 -2.46 -4.45 -9.35
N VAL A 95 -1.89 -3.77 -10.34
CA VAL A 95 -1.73 -2.32 -10.23
C VAL A 95 -3.08 -1.64 -10.11
N ARG A 96 -4.05 -2.05 -10.93
CA ARG A 96 -5.37 -1.45 -10.87
C ARG A 96 -6.05 -1.76 -9.55
N LEU A 97 -5.85 -2.97 -9.04
CA LEU A 97 -6.46 -3.33 -7.76
C LEU A 97 -5.82 -2.56 -6.61
N ARG A 98 -4.51 -2.33 -6.68
CA ARG A 98 -3.86 -1.48 -5.68
C ARG A 98 -4.47 -0.09 -5.67
N GLU A 99 -4.74 0.47 -6.85
CA GLU A 99 -5.32 1.81 -6.94
C GLU A 99 -6.76 1.83 -6.43
N GLN A 100 -7.61 0.97 -7.00
CA GLN A 100 -9.03 1.02 -6.66
C GLN A 100 -9.27 0.47 -5.26
N GLY A 101 -8.57 -0.60 -4.88
CA GLY A 101 -8.71 -1.15 -3.55
C GLY A 101 -8.21 -0.21 -2.47
N GLY A 102 -7.16 0.56 -2.77
CA GLY A 102 -6.68 1.54 -1.81
C GLY A 102 -7.75 2.55 -1.44
N ALA A 103 -8.54 2.97 -2.42
CA ALA A 103 -9.61 3.92 -2.12
C ALA A 103 -10.68 3.27 -1.24
N VAL A 104 -11.04 2.02 -1.54
CA VAL A 104 -11.99 1.29 -0.69
C VAL A 104 -11.47 1.23 0.73
N LEU A 105 -10.19 0.91 0.90
CA LEU A 105 -9.64 0.74 2.24
C LEU A 105 -9.53 2.07 2.99
N ARG A 106 -9.27 3.17 2.28
N ARG A 106 -9.28 3.17 2.29
CA ARG A 106 -9.20 4.48 2.91
CA ARG A 106 -9.20 4.47 2.94
C ARG A 106 -10.53 4.85 3.55
C ARG A 106 -10.53 4.87 3.55
N GLN A 107 -11.62 4.68 2.80
CA GLN A 107 -12.95 4.97 3.31
C GLN A 107 -13.32 4.03 4.44
N ALA A 108 -12.97 2.74 4.31
CA ALA A 108 -13.33 1.77 5.33
C ALA A 108 -12.54 2.01 6.61
N ARG A 109 -11.27 2.38 6.50
N ARG A 109 -11.27 2.38 6.50
CA ARG A 109 -10.51 2.62 7.73
CA ARG A 109 -10.47 2.63 7.70
C ARG A 109 -11.07 3.83 8.47
C ARG A 109 -11.00 3.85 8.45
N ARG A 110 -11.52 4.85 7.73
CA ARG A 110 -12.11 6.02 8.38
C ARG A 110 -13.34 5.62 9.20
N GLN A 111 -14.14 4.70 8.67
CA GLN A 111 -15.27 4.19 9.44
C GLN A 111 -14.82 3.34 10.62
N ALA A 112 -13.76 2.55 10.43
CA ALA A 112 -13.25 1.74 11.53
C ALA A 112 -12.69 2.61 12.66
N GLU A 113 -12.14 3.77 12.31
CA GLU A 113 -11.50 4.63 13.31
C GLU A 113 -12.53 5.18 14.29
N LYS A 114 -13.75 5.45 13.81
CA LYS A 114 -14.81 5.90 14.70
C LYS A 114 -15.67 4.73 15.19
N MET A 115 -15.01 3.67 15.65
CA MET A 115 -15.70 2.57 16.31
C MET A 115 -15.19 2.38 17.73
N MET B 4 5.18 30.52 14.24
CA MET B 4 4.26 29.40 14.04
C MET B 4 4.12 28.58 15.32
N GLN B 5 3.09 27.74 15.39
CA GLN B 5 2.79 26.95 16.57
C GLN B 5 2.87 25.46 16.23
N LEU B 6 3.64 24.72 17.02
CA LEU B 6 3.74 23.29 16.83
C LEU B 6 2.44 22.58 17.21
N THR B 7 2.18 21.45 16.54
CA THR B 7 1.06 20.61 16.92
C THR B 7 1.54 19.17 17.08
N PRO B 8 0.89 18.39 17.95
CA PRO B 8 1.31 16.99 18.11
C PRO B 8 1.26 16.21 16.82
N PHE B 9 0.24 16.44 15.98
CA PHE B 9 0.15 15.73 14.71
C PHE B 9 1.32 16.06 13.79
N LEU B 10 1.71 17.33 13.70
CA LEU B 10 2.79 17.63 12.78
C LEU B 10 4.13 17.13 13.32
N ILE B 11 4.31 17.13 14.64
CA ILE B 11 5.52 16.55 15.22
C ILE B 11 5.58 15.06 14.90
N LEU B 12 4.43 14.38 14.98
CA LEU B 12 4.39 12.98 14.60
C LEU B 12 4.75 12.78 13.13
N LEU B 13 4.22 13.61 12.24
CA LEU B 13 4.58 13.45 10.83
C LEU B 13 6.07 13.69 10.61
N ARG B 14 6.65 14.68 11.29
CA ARG B 14 8.08 14.90 11.13
C ARG B 14 8.88 13.67 11.55
N LYS B 15 8.52 13.08 12.70
CA LYS B 15 9.17 11.86 13.15
C LYS B 15 9.00 10.73 12.15
N THR B 16 7.79 10.57 11.64
CA THR B 16 7.51 9.49 10.70
C THR B 16 8.29 9.67 9.41
N LEU B 17 8.34 10.90 8.92
CA LEU B 17 9.10 11.15 7.69
C LEU B 17 10.57 10.83 7.90
N GLU B 18 11.11 11.15 9.08
CA GLU B 18 12.51 10.81 9.38
C GLU B 18 12.70 9.30 9.42
N GLN B 19 11.73 8.58 10.00
CA GLN B 19 11.84 7.12 10.05
C GLN B 19 11.76 6.52 8.66
N LEU B 20 10.91 7.08 7.78
CA LEU B 20 10.83 6.59 6.41
C LEU B 20 12.12 6.86 5.64
N GLN B 21 12.68 8.06 5.80
CA GLN B 21 13.93 8.38 5.10
C GLN B 21 15.08 7.48 5.56
N GLU B 22 15.09 7.09 6.83
CA GLU B 22 16.13 6.19 7.34
C GLU B 22 16.19 4.91 6.52
N LYS B 23 15.04 4.43 6.05
CA LYS B 23 15.01 3.21 5.26
C LYS B 23 15.63 3.38 3.89
N ASP B 24 15.82 4.62 3.44
CA ASP B 24 16.39 4.89 2.11
C ASP B 24 17.90 5.13 2.22
N THR B 25 18.63 4.05 2.46
CA THR B 25 20.05 4.18 2.80
C THR B 25 20.87 4.75 1.65
N GLY B 26 20.43 4.54 0.41
CA GLY B 26 21.18 5.15 -0.69
C GLY B 26 20.76 6.57 -1.02
N ASN B 27 19.81 7.12 -0.28
CA ASN B 27 19.24 8.45 -0.51
C ASN B 27 18.68 8.61 -1.93
N ILE B 28 18.26 7.51 -2.56
CA ILE B 28 17.83 7.63 -3.94
C ILE B 28 16.43 8.20 -4.07
N PHE B 29 15.67 8.27 -2.96
CA PHE B 29 14.36 8.88 -2.93
C PHE B 29 14.36 10.20 -2.18
N SER B 30 15.55 10.74 -1.88
CA SER B 30 15.66 11.93 -1.05
C SER B 30 15.26 13.20 -1.79
N GLU B 31 15.45 13.23 -3.10
CA GLU B 31 15.25 14.43 -3.89
C GLU B 31 14.51 14.05 -5.17
N PRO B 32 13.90 15.02 -5.84
CA PRO B 32 13.15 14.68 -7.07
C PRO B 32 14.03 13.95 -8.07
N VAL B 33 13.43 13.00 -8.77
CA VAL B 33 14.05 12.35 -9.91
C VAL B 33 14.48 13.46 -10.86
N PRO B 34 15.75 13.52 -11.24
CA PRO B 34 16.25 14.66 -12.04
C PRO B 34 15.72 14.65 -13.47
N LEU B 35 14.75 15.52 -13.75
CA LEU B 35 14.07 15.49 -15.05
C LEU B 35 15.00 15.84 -16.20
N SER B 36 16.05 16.63 -15.94
CA SER B 36 17.02 16.94 -16.98
C SER B 36 17.71 15.67 -17.47
N GLU B 37 18.03 14.76 -16.55
CA GLU B 37 18.71 13.53 -16.91
C GLU B 37 17.74 12.44 -17.35
N VAL B 38 16.44 12.61 -17.06
CA VAL B 38 15.40 11.64 -17.38
C VAL B 38 14.28 12.34 -18.15
N PRO B 39 14.47 12.68 -19.43
CA PRO B 39 13.52 13.59 -20.09
C PRO B 39 12.13 13.00 -20.31
N ASP B 40 12.00 11.68 -20.41
CA ASP B 40 10.70 11.07 -20.64
C ASP B 40 9.96 10.73 -19.35
N TYR B 41 10.47 11.18 -18.20
CA TYR B 41 9.88 10.76 -16.93
C TYR B 41 8.44 11.25 -16.81
N LEU B 42 8.20 12.53 -17.11
CA LEU B 42 6.85 13.07 -17.03
C LEU B 42 5.93 12.52 -18.11
N ASP B 43 6.46 11.84 -19.13
CA ASP B 43 5.58 11.17 -20.08
C ASP B 43 4.87 9.99 -19.44
N HIS B 44 5.42 9.43 -18.36
CA HIS B 44 4.87 8.26 -17.70
C HIS B 44 4.35 8.55 -16.30
N ILE B 45 4.95 9.51 -15.59
CA ILE B 45 4.67 9.75 -14.18
C ILE B 45 3.93 11.08 -14.06
N LYS B 46 2.67 11.01 -13.61
CA LYS B 46 1.81 12.18 -13.51
C LYS B 46 2.21 13.09 -12.36
N LYS B 47 2.55 12.51 -11.21
CA LYS B 47 2.82 13.28 -9.99
C LYS B 47 4.08 12.74 -9.33
N PRO B 48 5.25 13.28 -9.71
CA PRO B 48 6.49 12.87 -9.05
C PRO B 48 6.45 13.15 -7.55
N MET B 49 7.20 12.35 -6.80
CA MET B 49 7.28 12.52 -5.36
C MET B 49 8.61 12.03 -4.84
N ASP B 50 9.05 12.65 -3.75
CA ASP B 50 10.31 12.34 -3.10
C ASP B 50 10.25 12.88 -1.68
N PHE B 51 11.22 12.48 -0.87
CA PHE B 51 11.16 12.85 0.55
C PHE B 51 11.36 14.34 0.78
N PHE B 52 12.12 15.02 -0.08
CA PHE B 52 12.28 16.46 0.09
C PHE B 52 10.98 17.20 -0.18
N THR B 53 10.27 16.80 -1.26
CA THR B 53 8.98 17.39 -1.56
C THR B 53 8.00 17.12 -0.42
N MET B 54 8.06 15.94 0.19
CA MET B 54 7.17 15.64 1.32
C MET B 54 7.48 16.55 2.50
N LYS B 55 8.77 16.79 2.78
CA LYS B 55 9.12 17.71 3.87
C LYS B 55 8.61 19.12 3.58
N GLN B 56 8.77 19.58 2.34
CA GLN B 56 8.27 20.91 1.98
C GLN B 56 6.77 21.00 2.12
N ASN B 57 6.07 19.96 1.66
CA ASN B 57 4.62 19.91 1.86
C ASN B 57 4.26 19.95 3.34
N LEU B 58 5.02 19.22 4.17
CA LEU B 58 4.71 19.17 5.59
C LEU B 58 4.85 20.54 6.22
N GLU B 59 5.96 21.22 5.94
CA GLU B 59 6.24 22.52 6.55
C GLU B 59 5.40 23.64 5.97
N ALA B 60 4.76 23.42 4.81
CA ALA B 60 3.78 24.35 4.28
C ALA B 60 2.37 24.00 4.70
N TYR B 61 2.22 23.08 5.64
CA TYR B 61 0.92 22.71 6.24
C TYR B 61 -0.02 22.07 5.22
N ARG B 62 0.54 21.39 4.22
CA ARG B 62 -0.30 20.73 3.22
C ARG B 62 -0.66 19.30 3.59
N TYR B 63 -0.19 18.79 4.73
CA TYR B 63 -0.64 17.51 5.28
C TYR B 63 -1.37 17.81 6.58
N LEU B 64 -2.69 17.78 6.55
CA LEU B 64 -3.43 18.00 7.78
C LEU B 64 -4.17 16.75 8.25
N ASN B 65 -3.99 15.63 7.54
CA ASN B 65 -4.44 14.32 8.00
C ASN B 65 -3.43 13.27 7.56
N PHE B 66 -3.47 12.10 8.21
CA PHE B 66 -2.46 11.08 7.96
C PHE B 66 -2.61 10.48 6.56
N ASP B 67 -3.82 10.39 6.04
CA ASP B 67 -4.02 9.81 4.70
C ASP B 67 -3.29 10.59 3.61
N ASP B 68 -3.36 11.92 3.66
CA ASP B 68 -2.70 12.72 2.63
C ASP B 68 -1.18 12.49 2.65
N PHE B 69 -0.62 12.33 3.85
CA PHE B 69 0.81 12.06 4.03
C PHE B 69 1.18 10.67 3.52
N GLU B 70 0.43 9.64 3.94
CA GLU B 70 0.69 8.29 3.49
C GLU B 70 0.55 8.17 1.98
N GLU B 71 -0.42 8.89 1.41
CA GLU B 71 -0.64 8.84 -0.05
C GLU B 71 0.59 9.31 -0.81
N ASP B 72 1.25 10.35 -0.33
CA ASP B 72 2.43 10.83 -1.03
C ASP B 72 3.60 9.86 -0.86
N PHE B 73 3.75 9.25 0.33
CA PHE B 73 4.77 8.22 0.47
C PHE B 73 4.54 7.10 -0.53
N ASN B 74 3.28 6.67 -0.64
CA ASN B 74 2.96 5.60 -1.57
C ASN B 74 3.34 5.94 -3.00
N LEU B 75 3.25 7.22 -3.38
CA LEU B 75 3.65 7.61 -4.75
C LEU B 75 5.14 7.45 -4.97
N ILE B 76 5.97 7.73 -3.96
CA ILE B 76 7.41 7.50 -4.09
C ILE B 76 7.66 6.07 -4.55
N VAL B 77 6.97 5.12 -3.92
CA VAL B 77 7.12 3.71 -4.27
C VAL B 77 6.48 3.44 -5.63
N SER B 78 5.21 3.81 -5.80
CA SER B 78 4.50 3.39 -7.00
C SER B 78 5.05 4.05 -8.26
N ASN B 79 5.50 5.31 -8.18
CA ASN B 79 6.15 5.93 -9.33
C ASN B 79 7.38 5.14 -9.75
N CYS B 80 8.15 4.69 -8.77
CA CYS B 80 9.39 3.99 -9.07
C CYS B 80 9.12 2.64 -9.71
N LEU B 81 8.17 1.88 -9.17
CA LEU B 81 7.79 0.60 -9.77
C LEU B 81 7.25 0.80 -11.17
N LYS B 82 6.50 1.89 -11.39
CA LYS B 82 5.92 2.11 -12.71
C LYS B 82 6.99 2.43 -13.74
N TYR B 83 7.92 3.32 -13.39
CA TYR B 83 8.87 3.81 -14.39
C TYR B 83 9.98 2.81 -14.69
N ASN B 84 10.40 2.02 -13.72
CA ASN B 84 11.63 1.22 -13.84
C ASN B 84 11.33 -0.26 -14.09
N ALA B 85 12.22 -0.90 -14.88
CA ALA B 85 12.13 -2.33 -15.06
C ALA B 85 12.36 -3.06 -13.74
N LYS B 86 11.80 -4.27 -13.65
CA LYS B 86 11.92 -5.04 -12.42
C LYS B 86 13.37 -5.33 -12.06
N ASP B 87 14.19 -5.64 -13.06
CA ASP B 87 15.59 -5.98 -12.82
C ASP B 87 16.46 -4.72 -12.77
N THR B 88 16.12 -3.83 -11.84
CA THR B 88 16.91 -2.62 -11.64
C THR B 88 17.10 -2.39 -10.16
N ILE B 89 18.19 -1.66 -9.84
CA ILE B 89 18.41 -1.24 -8.47
C ILE B 89 17.25 -0.38 -7.97
N PHE B 90 16.72 0.50 -8.83
CA PHE B 90 15.63 1.37 -8.38
C PHE B 90 14.38 0.57 -8.02
N TYR B 91 13.97 -0.35 -8.90
CA TYR B 91 12.77 -1.12 -8.63
C TYR B 91 12.92 -1.92 -7.35
N ARG B 92 14.04 -2.62 -7.20
CA ARG B 92 14.26 -3.43 -6.00
C ARG B 92 14.30 -2.56 -4.75
N ALA B 93 14.86 -1.35 -4.86
CA ALA B 93 14.86 -0.46 -3.69
C ALA B 93 13.45 0.01 -3.33
N ALA B 94 12.59 0.20 -4.33
CA ALA B 94 11.22 0.63 -4.04
C ALA B 94 10.43 -0.49 -3.38
N VAL B 95 10.66 -1.74 -3.80
CA VAL B 95 10.03 -2.88 -3.15
C VAL B 95 10.48 -2.94 -1.69
N ARG B 96 11.78 -2.78 -1.45
CA ARG B 96 12.28 -2.76 -0.08
C ARG B 96 11.67 -1.63 0.72
N LEU B 97 11.59 -0.43 0.11
CA LEU B 97 11.01 0.71 0.82
C LEU B 97 9.54 0.46 1.15
N ARG B 98 8.80 -0.17 0.23
CA ARG B 98 7.41 -0.49 0.48
C ARG B 98 7.27 -1.40 1.70
N GLU B 99 8.14 -2.41 1.82
CA GLU B 99 8.03 -3.36 2.92
C GLU B 99 8.40 -2.70 4.24
N GLN B 100 9.55 -2.02 4.27
CA GLN B 100 10.04 -1.43 5.52
C GLN B 100 9.25 -0.18 5.89
N GLY B 101 8.85 0.62 4.90
CA GLY B 101 8.06 1.80 5.18
C GLY B 101 6.66 1.49 5.66
N GLY B 102 6.13 0.33 5.27
CA GLY B 102 4.79 -0.03 5.71
C GLY B 102 4.69 -0.24 7.21
N ALA B 103 5.72 -0.85 7.80
CA ALA B 103 5.72 -1.05 9.25
C ALA B 103 5.81 0.29 9.98
N VAL B 104 6.62 1.21 9.45
CA VAL B 104 6.71 2.54 10.03
C VAL B 104 5.35 3.23 10.01
N LEU B 105 4.64 3.14 8.89
CA LEU B 105 3.37 3.83 8.76
C LEU B 105 2.28 3.20 9.62
N ARG B 106 2.32 1.87 9.78
CA ARG B 106 1.34 1.21 10.64
C ARG B 106 1.44 1.71 12.07
N GLN B 107 2.66 1.77 12.62
CA GLN B 107 2.85 2.26 13.97
C GLN B 107 2.48 3.73 14.09
N ALA B 108 2.86 4.53 13.08
CA ALA B 108 2.59 5.96 13.13
C ALA B 108 1.10 6.26 13.05
N ARG B 109 0.36 5.52 12.22
CA ARG B 109 -1.08 5.77 12.11
C ARG B 109 -1.78 5.46 13.42
N ARG B 110 -1.34 4.42 14.12
CA ARG B 110 -1.91 4.11 15.41
C ARG B 110 -1.72 5.25 16.41
N GLN B 111 -0.57 5.90 16.36
CA GLN B 111 -0.35 7.05 17.24
C GLN B 111 -1.21 8.24 16.83
N ALA B 112 -1.40 8.44 15.52
CA ALA B 112 -2.21 9.56 15.05
C ALA B 112 -3.66 9.41 15.45
N GLU B 113 -4.20 8.19 15.39
CA GLU B 113 -5.58 7.95 15.80
C GLU B 113 -5.80 8.29 17.27
N LYS B 114 -4.77 8.09 18.11
CA LYS B 114 -4.89 8.41 19.53
C LYS B 114 -5.05 9.91 19.79
N MET B 115 -4.69 10.75 18.82
CA MET B 115 -4.77 12.19 19.02
C MET B 115 -6.20 12.71 18.89
#